data_1VBI
#
_entry.id   1VBI
#
_cell.length_a   78.320
_cell.length_b   78.320
_cell.length_c   253.213
_cell.angle_alpha   90.00
_cell.angle_beta   90.00
_cell.angle_gamma   120.00
#
_symmetry.space_group_name_H-M   'P 65 2 2'
#
loop_
_entity.id
_entity.type
_entity.pdbx_description
1 polymer 'Type 2 malate/lactate dehydrogenase'
2 non-polymer 'SULFATE ION'
3 non-polymer NICOTINAMIDE-ADENINE-DINUCLEOTIDE
4 non-polymer 1,2-ETHANEDIOL
5 water water
#
_entity_poly.entity_id   1
_entity_poly.type   'polypeptide(L)'
_entity_poly.pdbx_seq_one_letter_code
;MRWRADFLSAWAEALLRKAGADEPSAKAVAWALVEADLRGVGSHGLLRLPVYVRRLEAGLVNPSPTLPLEERGPVALLDG
EHGFGPRVALKAVEAAQSLARRHGLGAVGVRRSTHFGMAGLYAEKLAREGFVAWVTTNAEPDVVPFGGREKALGTNPLAF
AAPAPQGILVADLATSESAMGKVFLAREKGERIPPSWGVDREGSPTDDPHRVYALRPLGGPKGYALALLVEVLSGVLTGA
GVAHGIGRMYDEWDRPQDVGHFLLALDPGRFVGKEAFLERMGALWQALKATPPAPGHEEVFLPGELEARRRERALAEGMA
LPERVVAELKALGERYGVPWRDDA
;
_entity_poly.pdbx_strand_id   A
#
# COMPACT_ATOMS: atom_id res chain seq x y z
N MET A 1 15.61 13.13 -17.20
CA MET A 1 14.59 12.72 -18.20
C MET A 1 13.33 12.21 -17.51
N ARG A 2 12.20 12.29 -18.23
CA ARG A 2 10.93 11.82 -17.68
C ARG A 2 10.38 10.67 -18.52
N TRP A 3 9.54 9.85 -17.90
CA TRP A 3 8.96 8.70 -18.57
C TRP A 3 7.45 8.76 -18.58
N ARG A 4 6.86 8.17 -19.62
CA ARG A 4 5.40 8.16 -19.76
C ARG A 4 4.78 7.00 -19.01
N ALA A 5 3.73 7.28 -18.24
CA ALA A 5 3.04 6.24 -17.48
C ALA A 5 2.50 5.16 -18.40
N ASP A 6 1.97 5.55 -19.56
CA ASP A 6 1.41 4.58 -20.48
C ASP A 6 2.48 3.62 -20.99
N PHE A 7 3.69 4.15 -21.23
CA PHE A 7 4.80 3.32 -21.70
C PHE A 7 5.27 2.38 -20.60
N LEU A 8 5.44 2.92 -19.40
CA LEU A 8 5.90 2.14 -18.26
C LEU A 8 4.92 1.03 -17.90
N SER A 9 3.63 1.37 -17.90
CA SER A 9 2.58 0.40 -17.57
C SER A 9 2.52 -0.73 -18.60
N ALA A 10 2.57 -0.38 -19.88
CA ALA A 10 2.53 -1.38 -20.94
C ALA A 10 3.77 -2.27 -20.86
N TRP A 11 4.91 -1.65 -20.59
CA TRP A 11 6.16 -2.38 -20.50
C TRP A 11 6.15 -3.34 -19.31
N ALA A 12 5.70 -2.86 -18.16
CA ALA A 12 5.64 -3.69 -16.97
C ALA A 12 4.72 -4.88 -17.18
N GLU A 13 3.55 -4.64 -17.77
CA GLU A 13 2.61 -5.72 -18.03
C GLU A 13 3.23 -6.76 -18.96
N ALA A 14 3.87 -6.28 -20.03
CA ALA A 14 4.50 -7.17 -21.00
C ALA A 14 5.59 -8.01 -20.33
N LEU A 15 6.39 -7.38 -19.49
CA LEU A 15 7.46 -8.08 -18.79
C LEU A 15 6.90 -9.17 -17.89
N LEU A 16 5.88 -8.82 -17.12
CA LEU A 16 5.25 -9.77 -16.22
C LEU A 16 4.64 -10.97 -16.96
N ARG A 17 4.03 -10.72 -18.11
CA ARG A 17 3.43 -11.82 -18.86
C ARG A 17 4.55 -12.72 -19.41
N LYS A 18 5.64 -12.10 -19.83
CA LYS A 18 6.78 -12.85 -20.36
C LYS A 18 7.37 -13.70 -19.23
N ALA A 19 7.26 -13.20 -18.00
CA ALA A 19 7.77 -13.91 -16.82
C ALA A 19 6.82 -15.02 -16.37
N GLY A 20 5.66 -15.11 -17.01
CA GLY A 20 4.71 -16.16 -16.65
C GLY A 20 3.40 -15.78 -16.00
N ALA A 21 3.26 -14.52 -15.59
CA ALA A 21 2.02 -14.07 -14.94
C ALA A 21 0.89 -13.99 -15.97
N ASP A 22 -0.33 -14.32 -15.55
CA ASP A 22 -1.45 -14.24 -16.49
C ASP A 22 -1.78 -12.76 -16.72
N GLU A 23 -2.63 -12.49 -17.71
CA GLU A 23 -2.96 -11.10 -18.04
C GLU A 23 -3.53 -10.28 -16.88
N PRO A 24 -4.52 -10.81 -16.16
CA PRO A 24 -5.10 -10.05 -15.04
C PRO A 24 -4.06 -9.67 -13.99
N SER A 25 -3.19 -10.61 -13.65
CA SER A 25 -2.14 -10.38 -12.66
C SER A 25 -1.14 -9.35 -13.15
N ALA A 26 -0.72 -9.48 -14.40
CA ALA A 26 0.24 -8.55 -14.97
C ALA A 26 -0.33 -7.14 -14.99
N LYS A 27 -1.58 -7.01 -15.41
CA LYS A 27 -2.24 -5.70 -15.47
C LYS A 27 -2.37 -5.10 -14.07
N ALA A 28 -2.75 -5.92 -13.10
CA ALA A 28 -2.94 -5.46 -11.74
C ALA A 28 -1.66 -4.93 -11.12
N VAL A 29 -0.55 -5.65 -11.31
CA VAL A 29 0.72 -5.21 -10.75
C VAL A 29 1.23 -3.95 -11.44
N ALA A 30 1.12 -3.91 -12.77
CA ALA A 30 1.57 -2.73 -13.51
C ALA A 30 0.81 -1.51 -13.01
N TRP A 31 -0.49 -1.67 -12.81
CA TRP A 31 -1.34 -0.59 -12.31
C TRP A 31 -0.89 -0.11 -10.94
N ALA A 32 -0.81 -1.05 -9.99
CA ALA A 32 -0.42 -0.70 -8.63
C ALA A 32 0.90 0.05 -8.53
N LEU A 33 1.92 -0.46 -9.22
CA LEU A 33 3.22 0.18 -9.15
C LEU A 33 3.29 1.53 -9.85
N VAL A 34 2.79 1.62 -11.06
CA VAL A 34 2.82 2.88 -11.79
C VAL A 34 1.94 3.94 -11.11
N GLU A 35 0.76 3.55 -10.64
CA GLU A 35 -0.12 4.51 -9.97
C GLU A 35 0.51 5.03 -8.67
N ALA A 36 1.33 4.22 -8.03
CA ALA A 36 1.99 4.66 -6.80
C ALA A 36 3.05 5.70 -7.19
N ASP A 37 3.82 5.41 -8.24
CA ASP A 37 4.85 6.36 -8.69
C ASP A 37 4.23 7.69 -9.09
N LEU A 38 3.08 7.64 -9.79
CA LEU A 38 2.41 8.87 -10.22
C LEU A 38 2.06 9.76 -9.05
N ARG A 39 1.64 9.15 -7.95
CA ARG A 39 1.25 9.89 -6.74
C ARG A 39 2.43 10.29 -5.86
N GLY A 40 3.65 9.96 -6.30
CA GLY A 40 4.82 10.32 -5.54
C GLY A 40 5.21 9.34 -4.45
N VAL A 41 4.60 8.15 -4.45
CA VAL A 41 4.91 7.14 -3.45
C VAL A 41 5.81 6.09 -4.11
N GLY A 42 7.01 6.51 -4.48
CA GLY A 42 7.95 5.63 -5.13
C GLY A 42 8.36 4.41 -4.32
N SER A 43 8.25 4.50 -3.00
CA SER A 43 8.62 3.39 -2.14
C SER A 43 7.80 2.16 -2.47
N HIS A 44 6.66 2.37 -3.13
CA HIS A 44 5.79 1.26 -3.52
C HIS A 44 5.49 1.28 -5.01
N GLY A 45 6.40 1.87 -5.76
CA GLY A 45 6.24 1.96 -7.20
C GLY A 45 7.09 0.93 -7.94
N LEU A 46 7.47 1.27 -9.16
CA LEU A 46 8.26 0.38 -10.01
C LEU A 46 9.57 -0.13 -9.42
N LEU A 47 10.11 0.55 -8.41
CA LEU A 47 11.36 0.08 -7.84
C LEU A 47 11.15 -1.31 -7.23
N ARG A 48 9.88 -1.67 -7.01
CA ARG A 48 9.53 -2.98 -6.45
C ARG A 48 9.39 -4.07 -7.51
N LEU A 49 9.26 -3.70 -8.78
CA LEU A 49 9.08 -4.70 -9.83
C LEU A 49 10.16 -5.78 -9.87
N PRO A 50 11.44 -5.40 -9.77
CA PRO A 50 12.47 -6.44 -9.81
C PRO A 50 12.28 -7.57 -8.77
N VAL A 51 12.06 -7.22 -7.51
CA VAL A 51 11.87 -8.26 -6.50
C VAL A 51 10.56 -9.01 -6.73
N TYR A 52 9.52 -8.30 -7.17
CA TYR A 52 8.25 -8.96 -7.45
C TYR A 52 8.47 -10.07 -8.47
N VAL A 53 9.23 -9.75 -9.52
CA VAL A 53 9.51 -10.73 -10.57
C VAL A 53 10.40 -11.85 -10.04
N ARG A 54 11.34 -11.52 -9.17
CA ARG A 54 12.21 -12.56 -8.61
C ARG A 54 11.38 -13.53 -7.78
N ARG A 55 10.41 -13.02 -7.04
CA ARG A 55 9.53 -13.87 -6.22
C ARG A 55 8.74 -14.79 -7.15
N LEU A 56 8.29 -14.25 -8.28
CA LEU A 56 7.53 -15.03 -9.25
C LEU A 56 8.42 -16.12 -9.85
N GLU A 57 9.62 -15.73 -10.26
CA GLU A 57 10.58 -16.66 -10.84
C GLU A 57 10.84 -17.84 -9.91
N ALA A 58 10.98 -17.54 -8.62
CA ALA A 58 11.26 -18.54 -7.60
C ALA A 58 10.07 -19.44 -7.27
N GLY A 59 8.93 -19.18 -7.89
CA GLY A 59 7.74 -19.99 -7.62
C GLY A 59 7.08 -19.64 -6.31
N LEU A 60 7.33 -18.42 -5.83
CA LEU A 60 6.77 -17.96 -4.55
C LEU A 60 5.52 -17.10 -4.73
N VAL A 61 5.15 -16.88 -5.98
CA VAL A 61 3.95 -16.10 -6.31
C VAL A 61 3.16 -16.88 -7.34
N ASN A 62 1.85 -17.03 -7.11
CA ASN A 62 0.98 -17.76 -8.02
C ASN A 62 0.79 -16.90 -9.27
N PRO A 63 1.18 -17.42 -10.45
CA PRO A 63 1.03 -16.62 -11.68
C PRO A 63 -0.39 -16.51 -12.19
N SER A 64 -1.26 -17.42 -11.76
CA SER A 64 -2.64 -17.41 -12.23
C SER A 64 -3.62 -17.96 -11.20
N PRO A 65 -3.79 -17.26 -10.07
CA PRO A 65 -4.72 -17.74 -9.03
C PRO A 65 -6.16 -17.67 -9.51
N THR A 66 -7.00 -18.58 -9.01
CA THR A 66 -8.41 -18.57 -9.39
C THR A 66 -9.16 -17.68 -8.40
N LEU A 67 -8.52 -17.38 -7.27
CA LEU A 67 -9.07 -16.49 -6.25
C LEU A 67 -10.44 -16.90 -5.68
N PRO A 68 -10.51 -18.06 -5.02
CA PRO A 68 -11.74 -18.60 -4.41
C PRO A 68 -12.37 -17.56 -3.49
N LEU A 69 -13.67 -17.34 -3.65
CA LEU A 69 -14.37 -16.37 -2.84
C LEU A 69 -15.62 -16.98 -2.21
N GLU A 70 -15.82 -16.77 -0.91
CA GLU A 70 -17.01 -17.28 -0.24
C GLU A 70 -17.67 -16.13 0.48
N GLU A 71 -18.98 -15.98 0.29
CA GLU A 71 -19.70 -14.89 0.90
C GLU A 71 -20.95 -15.34 1.65
N ARG A 72 -21.34 -14.53 2.63
CA ARG A 72 -22.53 -14.76 3.42
C ARG A 72 -22.94 -13.40 3.92
N GLY A 73 -24.07 -12.89 3.41
CA GLY A 73 -24.51 -11.58 3.81
C GLY A 73 -23.48 -10.54 3.38
N PRO A 74 -23.13 -9.59 4.26
CA PRO A 74 -22.15 -8.54 3.95
C PRO A 74 -20.69 -8.94 4.14
N VAL A 75 -20.44 -10.24 4.38
CA VAL A 75 -19.07 -10.69 4.59
C VAL A 75 -18.55 -11.66 3.54
N ALA A 76 -17.30 -11.45 3.12
CA ALA A 76 -16.68 -12.32 2.14
C ALA A 76 -15.27 -12.66 2.60
N LEU A 77 -14.83 -13.88 2.31
CA LEU A 77 -13.48 -14.30 2.63
C LEU A 77 -12.86 -14.63 1.28
N LEU A 78 -11.65 -14.14 1.06
CA LEU A 78 -10.97 -14.36 -0.21
C LEU A 78 -9.64 -15.07 0.01
N ASP A 79 -9.42 -16.14 -0.75
CA ASP A 79 -8.19 -16.91 -0.69
C ASP A 79 -7.35 -16.42 -1.87
N GLY A 80 -6.28 -15.69 -1.59
CA GLY A 80 -5.44 -15.17 -2.65
C GLY A 80 -4.59 -16.22 -3.35
N GLU A 81 -4.48 -17.40 -2.74
CA GLU A 81 -3.69 -18.49 -3.30
C GLU A 81 -2.26 -18.06 -3.63
N HIS A 82 -1.72 -17.17 -2.82
CA HIS A 82 -0.36 -16.67 -3.01
C HIS A 82 -0.14 -15.88 -4.30
N GLY A 83 -1.20 -15.31 -4.85
CA GLY A 83 -1.07 -14.52 -6.06
C GLY A 83 -0.46 -13.16 -5.75
N PHE A 84 -0.17 -12.38 -6.78
CA PHE A 84 0.39 -11.05 -6.59
C PHE A 84 -0.58 -10.20 -5.77
N GLY A 85 -0.05 -9.48 -4.78
CA GLY A 85 -0.91 -8.65 -3.94
C GLY A 85 -1.90 -7.78 -4.69
N PRO A 86 -1.45 -7.01 -5.70
CA PRO A 86 -2.36 -6.16 -6.45
C PRO A 86 -3.51 -6.92 -7.11
N ARG A 87 -3.22 -8.11 -7.62
CA ARG A 87 -4.24 -8.94 -8.27
C ARG A 87 -5.27 -9.39 -7.24
N VAL A 88 -4.79 -9.89 -6.10
CA VAL A 88 -5.67 -10.35 -5.04
C VAL A 88 -6.48 -9.18 -4.48
N ALA A 89 -5.81 -8.06 -4.20
CA ALA A 89 -6.47 -6.88 -3.64
C ALA A 89 -7.56 -6.30 -4.54
N LEU A 90 -7.32 -6.24 -5.85
CA LEU A 90 -8.33 -5.70 -6.75
C LEU A 90 -9.56 -6.58 -6.80
N LYS A 91 -9.38 -7.89 -6.61
CA LYS A 91 -10.53 -8.76 -6.61
C LYS A 91 -11.32 -8.50 -5.34
N ALA A 92 -10.61 -8.23 -4.26
CA ALA A 92 -11.24 -7.92 -2.98
C ALA A 92 -12.03 -6.61 -3.11
N VAL A 93 -11.48 -5.65 -3.84
CA VAL A 93 -12.16 -4.39 -4.04
C VAL A 93 -13.48 -4.64 -4.78
N GLU A 94 -13.43 -5.50 -5.78
CA GLU A 94 -14.61 -5.84 -6.56
C GLU A 94 -15.68 -6.48 -5.65
N ALA A 95 -15.24 -7.38 -4.78
CA ALA A 95 -16.14 -8.05 -3.87
C ALA A 95 -16.73 -7.08 -2.86
N ALA A 96 -15.91 -6.18 -2.33
CA ALA A 96 -16.38 -5.20 -1.36
C ALA A 96 -17.45 -4.31 -1.98
N GLN A 97 -17.24 -3.89 -3.22
CA GLN A 97 -18.20 -3.03 -3.91
C GLN A 97 -19.53 -3.74 -4.08
N SER A 98 -19.48 -4.97 -4.58
CA SER A 98 -20.69 -5.76 -4.79
C SER A 98 -21.48 -5.96 -3.50
N LEU A 99 -20.78 -6.34 -2.43
CA LEU A 99 -21.43 -6.56 -1.15
C LEU A 99 -22.04 -5.29 -0.57
N ALA A 100 -21.29 -4.19 -0.62
CA ALA A 100 -21.79 -2.93 -0.09
C ALA A 100 -23.00 -2.41 -0.86
N ARG A 101 -23.00 -2.63 -2.17
CA ARG A 101 -24.10 -2.18 -3.01
C ARG A 101 -25.39 -2.90 -2.63
N ARG A 102 -25.26 -4.17 -2.24
CA ARG A 102 -26.41 -4.98 -1.88
C ARG A 102 -26.79 -4.95 -0.39
N HIS A 103 -25.80 -4.81 0.48
CA HIS A 103 -26.05 -4.82 1.91
C HIS A 103 -25.81 -3.52 2.67
N GLY A 104 -25.23 -2.54 2.01
CA GLY A 104 -24.94 -1.27 2.67
C GLY A 104 -23.51 -1.26 3.18
N LEU A 105 -23.03 -2.45 3.51
CA LEU A 105 -21.67 -2.64 4.00
C LEU A 105 -21.08 -3.86 3.31
N GLY A 106 -19.76 -3.85 3.09
CA GLY A 106 -19.12 -4.98 2.46
C GLY A 106 -17.74 -5.15 3.06
N ALA A 107 -17.53 -6.26 3.78
CA ALA A 107 -16.23 -6.53 4.39
C ALA A 107 -15.60 -7.74 3.74
N VAL A 108 -14.33 -7.63 3.39
CA VAL A 108 -13.62 -8.74 2.76
C VAL A 108 -12.37 -9.08 3.56
N GLY A 109 -12.28 -10.33 4.01
CA GLY A 109 -11.12 -10.77 4.76
C GLY A 109 -10.25 -11.57 3.81
N VAL A 110 -9.07 -11.06 3.51
CA VAL A 110 -8.17 -11.71 2.55
C VAL A 110 -7.01 -12.45 3.23
N ARG A 111 -6.80 -13.71 2.79
CA ARG A 111 -5.67 -14.47 3.28
C ARG A 111 -4.83 -15.07 2.16
N ARG A 112 -3.59 -15.46 2.52
CA ARG A 112 -2.69 -16.04 1.52
C ARG A 112 -2.44 -15.09 0.35
N SER A 113 -2.29 -13.80 0.70
CA SER A 113 -1.91 -12.83 -0.33
C SER A 113 -0.40 -12.53 -0.24
N THR A 114 0.06 -11.61 -1.09
CA THR A 114 1.43 -11.14 -0.95
C THR A 114 1.50 -9.61 -0.93
N HIS A 115 2.70 -9.02 -0.88
CA HIS A 115 2.83 -7.55 -0.84
C HIS A 115 1.91 -6.92 -1.89
N PHE A 116 1.05 -5.98 -1.47
CA PHE A 116 0.14 -5.37 -2.45
C PHE A 116 0.41 -3.90 -2.77
N GLY A 117 1.54 -3.39 -2.32
CA GLY A 117 1.90 -2.01 -2.61
C GLY A 117 1.22 -0.95 -1.76
N MET A 118 0.80 0.13 -2.40
CA MET A 118 0.16 1.26 -1.73
C MET A 118 -1.28 0.98 -1.34
N ALA A 119 -1.54 0.87 -0.03
CA ALA A 119 -2.88 0.59 0.46
C ALA A 119 -3.90 1.64 0.01
N GLY A 120 -3.47 2.89 -0.06
CA GLY A 120 -4.37 3.97 -0.47
C GLY A 120 -4.97 3.82 -1.86
N LEU A 121 -4.31 3.08 -2.74
CA LEU A 121 -4.84 2.91 -4.10
C LEU A 121 -6.17 2.16 -4.07
N TYR A 122 -6.25 1.13 -3.23
CA TYR A 122 -7.47 0.33 -3.14
C TYR A 122 -8.58 1.12 -2.46
N ALA A 123 -8.22 1.91 -1.45
CA ALA A 123 -9.21 2.71 -0.74
C ALA A 123 -9.73 3.78 -1.71
N GLU A 124 -8.82 4.40 -2.45
CA GLU A 124 -9.20 5.44 -3.41
C GLU A 124 -10.13 4.90 -4.49
N LYS A 125 -9.85 3.70 -4.99
CA LYS A 125 -10.68 3.11 -6.03
C LYS A 125 -12.11 2.94 -5.51
N LEU A 126 -12.24 2.41 -4.30
CA LEU A 126 -13.57 2.23 -3.72
C LEU A 126 -14.27 3.56 -3.51
N ALA A 127 -13.53 4.57 -3.09
CA ALA A 127 -14.10 5.89 -2.87
C ALA A 127 -14.60 6.51 -4.18
N ARG A 128 -13.86 6.28 -5.27
CA ARG A 128 -14.25 6.82 -6.57
C ARG A 128 -15.50 6.08 -7.08
N GLU A 129 -15.79 4.94 -6.48
CA GLU A 129 -16.97 4.16 -6.85
C GLU A 129 -18.14 4.63 -5.97
N GLY A 130 -17.86 5.58 -5.08
CA GLY A 130 -18.89 6.13 -4.21
C GLY A 130 -18.96 5.64 -2.78
N PHE A 131 -17.99 4.83 -2.36
CA PHE A 131 -18.01 4.29 -1.00
C PHE A 131 -17.03 4.95 -0.05
N VAL A 132 -17.29 4.79 1.24
CA VAL A 132 -16.36 5.25 2.27
C VAL A 132 -15.59 3.93 2.38
N ALA A 133 -14.27 3.99 2.34
CA ALA A 133 -13.48 2.76 2.38
C ALA A 133 -12.37 2.70 3.41
N TRP A 134 -12.15 1.49 3.92
CA TRP A 134 -11.12 1.21 4.92
C TRP A 134 -10.31 0.04 4.35
N VAL A 135 -9.00 0.21 4.24
CA VAL A 135 -8.15 -0.86 3.72
C VAL A 135 -6.91 -1.02 4.60
N THR A 136 -6.62 -2.25 5.01
CA THR A 136 -5.44 -2.51 5.83
C THR A 136 -4.71 -3.75 5.34
N THR A 137 -3.42 -3.81 5.63
CA THR A 137 -2.62 -4.97 5.28
C THR A 137 -1.56 -5.11 6.35
N ASN A 138 -1.18 -6.34 6.69
CA ASN A 138 -0.09 -6.48 7.65
C ASN A 138 1.17 -6.69 6.80
N ALA A 139 2.32 -6.78 7.46
CA ALA A 139 3.58 -6.95 6.77
C ALA A 139 4.55 -7.62 7.74
N GLU A 140 5.61 -8.22 7.21
CA GLU A 140 6.60 -8.88 8.04
C GLU A 140 7.13 -7.89 9.08
N PRO A 141 7.33 -8.35 10.33
CA PRO A 141 7.83 -7.50 11.41
C PRO A 141 9.12 -6.72 11.18
N ASP A 142 9.02 -5.41 11.39
CA ASP A 142 10.15 -4.48 11.25
C ASP A 142 10.10 -3.49 12.40
N VAL A 143 9.02 -3.52 13.17
CA VAL A 143 8.81 -2.58 14.27
C VAL A 143 8.73 -3.22 15.65
N VAL A 144 9.39 -2.61 16.62
CA VAL A 144 9.34 -3.12 17.98
C VAL A 144 8.03 -2.68 18.61
N PRO A 145 7.49 -3.46 19.54
CA PRO A 145 6.23 -3.05 20.17
C PRO A 145 6.64 -1.97 21.17
N PHE A 146 5.72 -1.11 21.57
CA PHE A 146 6.11 -0.07 22.51
C PHE A 146 6.68 -0.71 23.77
N GLY A 147 7.87 -0.27 24.18
CA GLY A 147 8.51 -0.81 25.36
C GLY A 147 9.36 -2.04 25.11
N GLY A 148 9.43 -2.50 23.87
CA GLY A 148 10.22 -3.69 23.56
C GLY A 148 11.45 -3.43 22.71
N ARG A 149 12.35 -4.42 22.67
CA ARG A 149 13.57 -4.29 21.89
C ARG A 149 13.74 -5.29 20.75
N GLU A 150 12.71 -6.08 20.48
CA GLU A 150 12.75 -7.04 19.38
C GLU A 150 11.54 -6.82 18.49
N LYS A 151 11.72 -6.98 17.19
CA LYS A 151 10.65 -6.76 16.21
C LYS A 151 9.43 -7.64 16.48
N ALA A 152 8.25 -7.01 16.46
CA ALA A 152 7.02 -7.74 16.73
C ALA A 152 5.95 -7.54 15.66
N LEU A 153 5.97 -6.37 15.03
CA LEU A 153 4.96 -6.05 14.03
C LEU A 153 5.51 -5.36 12.78
N GLY A 154 4.78 -5.49 11.68
CA GLY A 154 5.20 -4.85 10.44
C GLY A 154 4.81 -3.38 10.45
N THR A 155 5.19 -2.65 9.40
CA THR A 155 4.86 -1.23 9.32
C THR A 155 3.34 -1.05 9.22
N ASN A 156 2.64 -2.17 9.10
CA ASN A 156 1.18 -2.25 9.07
C ASN A 156 0.41 -0.94 8.82
N PRO A 157 0.22 -0.58 7.55
CA PRO A 157 -0.50 0.65 7.19
C PRO A 157 -2.02 0.53 7.21
N LEU A 158 -2.65 1.68 7.40
CA LEU A 158 -4.10 1.82 7.41
C LEU A 158 -4.43 2.87 6.36
N ALA A 159 -5.40 2.57 5.50
CA ALA A 159 -5.81 3.54 4.48
C ALA A 159 -7.31 3.74 4.63
N PHE A 160 -7.76 4.97 4.38
CA PHE A 160 -9.17 5.31 4.51
C PHE A 160 -9.48 6.37 3.46
N ALA A 161 -10.55 6.17 2.69
CA ALA A 161 -10.91 7.14 1.66
C ALA A 161 -12.41 7.43 1.61
N ALA A 162 -12.74 8.62 1.14
CA ALA A 162 -14.13 9.04 1.01
C ALA A 162 -14.21 10.10 -0.07
N PRO A 163 -15.24 10.04 -0.92
CA PRO A 163 -15.43 10.99 -2.01
C PRO A 163 -15.94 12.36 -1.55
N ALA A 164 -15.46 13.39 -2.22
CA ALA A 164 -15.86 14.76 -1.92
C ALA A 164 -16.01 15.45 -3.27
N PRO A 165 -16.70 16.60 -3.29
CA PRO A 165 -16.86 17.29 -4.57
C PRO A 165 -15.51 17.73 -5.16
N GLN A 166 -14.62 18.20 -4.28
CA GLN A 166 -13.31 18.72 -4.68
C GLN A 166 -12.24 17.67 -4.94
N GLY A 167 -12.50 16.42 -4.58
CA GLY A 167 -11.52 15.37 -4.79
C GLY A 167 -11.79 14.17 -3.90
N ILE A 168 -10.84 13.26 -3.82
CA ILE A 168 -11.01 12.08 -2.99
C ILE A 168 -10.10 12.17 -1.76
N LEU A 169 -10.69 12.11 -0.58
CA LEU A 169 -9.90 12.15 0.64
C LEU A 169 -9.25 10.79 0.73
N VAL A 170 -7.93 10.77 0.85
CA VAL A 170 -7.22 9.51 0.97
C VAL A 170 -6.19 9.54 2.08
N ALA A 171 -6.53 8.91 3.20
CA ALA A 171 -5.63 8.80 4.32
C ALA A 171 -4.91 7.48 4.05
N ASP A 172 -3.58 7.48 4.11
CA ASP A 172 -2.80 6.27 3.87
C ASP A 172 -1.54 6.43 4.69
N LEU A 173 -1.42 5.65 5.76
CA LEU A 173 -0.26 5.79 6.63
C LEU A 173 0.26 4.51 7.29
N ALA A 174 1.58 4.40 7.34
CA ALA A 174 2.22 3.28 8.01
C ALA A 174 2.04 3.65 9.47
N THR A 175 1.99 2.66 10.35
CA THR A 175 1.81 2.92 11.77
C THR A 175 3.13 3.06 12.52
N SER A 176 4.22 3.02 11.77
CA SER A 176 5.57 3.19 12.32
C SER A 176 5.95 4.64 12.09
N GLU A 177 6.90 5.15 12.87
CA GLU A 177 7.34 6.54 12.73
C GLU A 177 7.95 6.78 11.35
N SER A 178 8.73 5.81 10.88
CA SER A 178 9.38 5.93 9.58
C SER A 178 9.30 4.59 8.84
N ALA A 179 10.28 4.32 7.98
CA ALA A 179 10.33 3.09 7.22
C ALA A 179 11.79 2.72 6.95
N MET A 180 12.06 1.43 6.83
CA MET A 180 13.42 0.95 6.58
C MET A 180 14.04 1.56 5.33
N GLY A 181 13.21 1.82 4.33
CA GLY A 181 13.69 2.41 3.09
C GLY A 181 14.34 3.76 3.33
N LYS A 182 13.75 4.55 4.23
CA LYS A 182 14.27 5.86 4.55
C LYS A 182 15.54 5.74 5.39
N VAL A 183 15.62 4.68 6.19
CA VAL A 183 16.79 4.45 7.02
C VAL A 183 17.97 4.07 6.13
N PHE A 184 17.74 3.16 5.19
CA PHE A 184 18.78 2.73 4.27
C PHE A 184 19.29 3.92 3.46
N LEU A 185 18.36 4.79 3.06
CA LEU A 185 18.70 5.97 2.29
C LEU A 185 19.68 6.83 3.09
N ALA A 186 19.32 7.08 4.36
CA ALA A 186 20.16 7.88 5.24
C ALA A 186 21.53 7.23 5.39
N ARG A 187 21.56 5.91 5.40
CA ARG A 187 22.80 5.16 5.53
C ARG A 187 23.76 5.50 4.38
N GLU A 188 23.21 5.60 3.17
CA GLU A 188 23.99 5.91 1.99
C GLU A 188 24.48 7.36 1.99
N LYS A 189 23.60 8.29 2.36
CA LYS A 189 23.95 9.70 2.40
C LYS A 189 24.74 10.06 3.65
N GLY A 190 25.02 9.07 4.48
CA GLY A 190 25.79 9.28 5.72
C GLY A 190 25.22 10.43 6.56
N GLU A 191 23.87 10.51 6.60
CA GLU A 191 23.24 11.56 7.39
C GLU A 191 22.68 11.02 8.71
N ARG A 192 22.53 11.94 9.69
CA ARG A 192 21.88 11.57 10.93
C ARG A 192 20.37 11.45 10.73
N ILE A 193 19.75 10.54 11.50
CA ILE A 193 18.30 10.47 11.49
C ILE A 193 17.72 10.83 12.85
N PRO A 194 16.47 11.29 12.84
CA PRO A 194 15.77 11.56 14.08
C PRO A 194 15.72 10.31 14.95
N PRO A 195 16.03 10.42 16.25
CA PRO A 195 16.02 9.24 17.12
C PRO A 195 14.65 8.60 17.25
N SER A 196 13.62 9.29 16.75
CA SER A 196 12.25 8.79 16.80
C SER A 196 12.00 7.68 15.79
N TRP A 197 12.88 7.56 14.80
CA TRP A 197 12.74 6.55 13.75
C TRP A 197 13.03 5.11 14.15
N GLY A 198 14.15 4.89 14.83
CA GLY A 198 14.49 3.53 15.20
C GLY A 198 15.36 3.35 16.42
N VAL A 199 15.52 2.10 16.83
CA VAL A 199 16.33 1.75 17.98
C VAL A 199 17.46 0.82 17.55
N ASP A 200 18.50 0.74 18.38
CA ASP A 200 19.62 -0.15 18.10
C ASP A 200 19.27 -1.54 18.63
N ARG A 201 20.19 -2.48 18.55
CA ARG A 201 19.93 -3.83 19.01
C ARG A 201 19.64 -3.92 20.50
N GLU A 202 20.03 -2.89 21.25
CA GLU A 202 19.77 -2.87 22.69
C GLU A 202 18.38 -2.32 22.98
N GLY A 203 17.76 -1.69 21.98
CA GLY A 203 16.44 -1.14 22.14
C GLY A 203 16.45 0.34 22.47
N SER A 204 17.61 0.97 22.35
CA SER A 204 17.73 2.40 22.63
C SER A 204 17.65 3.22 21.35
N PRO A 205 16.97 4.38 21.40
CA PRO A 205 16.86 5.22 20.22
C PRO A 205 18.25 5.59 19.70
N THR A 206 18.40 5.70 18.39
CA THR A 206 19.68 6.05 17.81
C THR A 206 19.50 7.07 16.68
N ASP A 207 20.49 7.93 16.50
CA ASP A 207 20.42 8.95 15.45
C ASP A 207 21.36 8.52 14.32
N ASP A 208 21.88 7.31 14.44
CA ASP A 208 22.78 6.75 13.45
C ASP A 208 22.09 5.65 12.67
N PRO A 209 21.79 5.88 11.39
CA PRO A 209 21.11 4.89 10.55
C PRO A 209 21.86 3.56 10.43
N HIS A 210 23.18 3.61 10.59
CA HIS A 210 23.99 2.40 10.50
C HIS A 210 23.73 1.47 11.68
N ARG A 211 23.22 2.05 12.77
CA ARG A 211 22.97 1.30 14.02
C ARG A 211 21.48 0.89 14.20
N VAL A 212 20.63 1.21 13.23
CA VAL A 212 19.21 0.86 13.37
C VAL A 212 18.96 -0.64 13.26
N TYR A 213 18.39 -1.21 14.30
CA TYR A 213 18.07 -2.62 14.36
C TYR A 213 16.60 -2.84 14.03
N ALA A 214 15.76 -1.91 14.49
CA ALA A 214 14.33 -1.99 14.26
C ALA A 214 13.70 -0.60 14.27
N LEU A 215 12.53 -0.50 13.66
CA LEU A 215 11.79 0.76 13.60
C LEU A 215 10.99 0.93 14.88
N ARG A 216 10.63 2.17 15.17
CA ARG A 216 9.84 2.48 16.36
C ARG A 216 8.42 2.82 15.92
N PRO A 217 7.43 2.59 16.80
CA PRO A 217 6.04 2.90 16.47
C PRO A 217 5.78 4.40 16.43
N LEU A 218 4.81 4.81 15.61
CA LEU A 218 4.45 6.22 15.51
C LEU A 218 3.93 6.69 16.87
N GLY A 219 4.46 7.79 17.38
CA GLY A 219 4.00 8.33 18.64
C GLY A 219 3.93 7.33 19.79
N GLY A 220 4.99 6.55 19.95
CA GLY A 220 5.05 5.57 21.03
C GLY A 220 3.90 4.58 21.08
N PRO A 221 3.17 4.53 22.21
CA PRO A 221 2.03 3.62 22.41
C PRO A 221 0.94 3.68 21.35
N LYS A 222 0.64 4.87 20.85
CA LYS A 222 -0.43 5.01 19.86
C LYS A 222 -0.18 4.28 18.55
N GLY A 223 1.03 4.41 18.00
CA GLY A 223 1.36 3.75 16.74
C GLY A 223 1.40 2.24 16.93
N TYR A 224 1.78 1.83 18.14
CA TYR A 224 1.84 0.41 18.49
C TYR A 224 0.40 -0.12 18.53
N ALA A 225 -0.49 0.65 19.13
CA ALA A 225 -1.90 0.26 19.22
C ALA A 225 -2.50 0.17 17.82
N LEU A 226 -2.17 1.15 16.97
CA LEU A 226 -2.68 1.16 15.60
C LEU A 226 -2.13 -0.01 14.79
N ALA A 227 -0.86 -0.35 15.02
CA ALA A 227 -0.24 -1.46 14.31
C ALA A 227 -0.97 -2.76 14.69
N LEU A 228 -1.40 -2.85 15.95
CA LEU A 228 -2.13 -4.04 16.39
C LEU A 228 -3.52 -4.06 15.78
N LEU A 229 -4.14 -2.89 15.64
CA LEU A 229 -5.46 -2.83 15.03
C LEU A 229 -5.34 -3.41 13.62
N VAL A 230 -4.30 -2.98 12.91
CA VAL A 230 -4.06 -3.45 11.55
C VAL A 230 -3.75 -4.95 11.54
N GLU A 231 -2.96 -5.42 12.50
CA GLU A 231 -2.61 -6.84 12.55
C GLU A 231 -3.84 -7.70 12.83
N VAL A 232 -4.70 -7.24 13.74
CA VAL A 232 -5.91 -8.00 14.08
C VAL A 232 -6.85 -8.10 12.89
N LEU A 233 -7.14 -6.98 12.24
CA LEU A 233 -8.04 -6.99 11.09
C LEU A 233 -7.46 -7.69 9.87
N SER A 234 -6.18 -7.43 9.58
CA SER A 234 -5.52 -8.00 8.40
C SER A 234 -5.09 -9.45 8.50
N GLY A 235 -4.56 -9.84 9.65
CA GLY A 235 -4.06 -11.20 9.81
C GLY A 235 -4.82 -12.13 10.73
N VAL A 236 -5.02 -11.72 11.99
CA VAL A 236 -5.71 -12.57 12.94
C VAL A 236 -7.12 -12.95 12.48
N LEU A 237 -7.91 -11.93 12.13
CA LEU A 237 -9.29 -12.13 11.71
C LEU A 237 -9.50 -12.89 10.41
N THR A 238 -8.58 -12.74 9.47
CA THR A 238 -8.69 -13.34 8.13
C THR A 238 -8.22 -14.77 7.92
N GLY A 239 -7.36 -15.26 8.80
CA GLY A 239 -6.84 -16.60 8.64
C GLY A 239 -5.50 -16.56 7.91
N ALA A 240 -5.00 -15.35 7.65
CA ALA A 240 -3.72 -15.18 6.95
C ALA A 240 -2.57 -15.33 7.95
N GLY A 241 -1.37 -15.01 7.50
CA GLY A 241 -0.22 -15.09 8.39
C GLY A 241 -0.32 -13.95 9.40
N VAL A 242 0.26 -14.14 10.57
CA VAL A 242 0.26 -13.12 11.60
C VAL A 242 1.71 -12.85 12.01
N ALA A 243 2.09 -11.58 11.97
CA ALA A 243 3.43 -11.16 12.34
C ALA A 243 4.54 -12.02 11.73
N HIS A 244 5.30 -12.71 12.57
CA HIS A 244 6.40 -13.55 12.09
C HIS A 244 5.96 -14.70 11.17
N GLY A 245 4.67 -14.94 11.08
CA GLY A 245 4.18 -15.99 10.22
C GLY A 245 3.89 -15.53 8.81
N ILE A 246 4.00 -14.22 8.57
CA ILE A 246 3.72 -13.66 7.25
C ILE A 246 4.73 -14.07 6.20
N GLY A 247 6.02 -13.90 6.52
CA GLY A 247 7.06 -14.23 5.56
C GLY A 247 7.71 -12.96 5.05
N ARG A 248 9.05 -12.91 5.09
CA ARG A 248 9.77 -11.72 4.64
C ARG A 248 10.03 -11.82 3.13
N MET A 249 9.45 -10.92 2.37
CA MET A 249 9.61 -10.93 0.92
C MET A 249 11.06 -10.86 0.46
N TYR A 250 11.88 -10.09 1.15
CA TYR A 250 13.28 -9.96 0.74
C TYR A 250 14.22 -10.98 1.35
N ASP A 251 13.89 -11.48 2.53
CA ASP A 251 14.78 -12.40 3.24
C ASP A 251 14.46 -13.89 3.29
N GLU A 252 13.18 -14.25 3.19
CA GLU A 252 12.79 -15.65 3.27
C GLU A 252 12.22 -16.17 1.96
N TRP A 253 12.90 -17.14 1.36
CA TRP A 253 12.49 -17.70 0.08
C TRP A 253 12.13 -19.19 0.09
N ASP A 254 11.83 -19.72 1.28
CA ASP A 254 11.51 -21.13 1.43
C ASP A 254 10.03 -21.43 1.22
N ARG A 255 9.18 -20.42 1.33
CA ARG A 255 7.75 -20.60 1.14
C ARG A 255 7.13 -19.25 0.80
N PRO A 256 5.96 -19.27 0.12
CA PRO A 256 5.31 -18.01 -0.25
C PRO A 256 4.89 -17.22 0.98
N GLN A 257 4.73 -15.92 0.83
CA GLN A 257 4.28 -15.10 1.93
C GLN A 257 2.82 -15.43 2.14
N ASP A 258 2.30 -15.07 3.32
CA ASP A 258 0.89 -15.27 3.61
C ASP A 258 0.48 -13.93 4.21
N VAL A 259 0.43 -12.91 3.37
CA VAL A 259 0.03 -11.58 3.80
C VAL A 259 -1.48 -11.53 3.86
N GLY A 260 -2.02 -10.80 4.83
CA GLY A 260 -3.45 -10.68 4.95
C GLY A 260 -3.89 -9.25 4.70
N HIS A 261 -5.11 -9.07 4.20
CA HIS A 261 -5.64 -7.72 3.98
C HIS A 261 -7.07 -7.71 4.49
N PHE A 262 -7.55 -6.53 4.85
CA PHE A 262 -8.92 -6.36 5.30
C PHE A 262 -9.47 -5.14 4.56
N LEU A 263 -10.61 -5.30 3.90
CA LEU A 263 -11.23 -4.19 3.19
C LEU A 263 -12.67 -4.03 3.62
N LEU A 264 -13.08 -2.79 3.83
CA LEU A 264 -14.45 -2.50 4.23
C LEU A 264 -14.97 -1.35 3.39
N ALA A 265 -16.12 -1.56 2.76
CA ALA A 265 -16.74 -0.53 1.95
C ALA A 265 -18.08 -0.22 2.61
N LEU A 266 -18.40 1.07 2.72
CA LEU A 266 -19.65 1.50 3.33
C LEU A 266 -20.37 2.42 2.35
N ASP A 267 -21.66 2.15 2.14
CA ASP A 267 -22.46 2.95 1.22
C ASP A 267 -23.11 4.11 1.98
N PRO A 268 -22.67 5.35 1.70
CA PRO A 268 -23.23 6.53 2.36
C PRO A 268 -24.74 6.57 2.17
N GLY A 269 -25.21 5.94 1.10
CA GLY A 269 -26.63 5.91 0.81
C GLY A 269 -27.46 5.26 1.91
N ARG A 270 -26.84 4.38 2.68
CA ARG A 270 -27.54 3.70 3.77
C ARG A 270 -27.40 4.45 5.08
N PHE A 271 -26.64 5.54 5.06
CA PHE A 271 -26.45 6.35 6.26
C PHE A 271 -27.10 7.73 6.03
N VAL A 272 -26.32 8.79 6.05
CA VAL A 272 -26.89 10.12 5.86
C VAL A 272 -27.47 10.34 4.46
N GLY A 273 -26.99 9.56 3.49
CA GLY A 273 -27.47 9.68 2.12
C GLY A 273 -26.31 9.96 1.18
N LYS A 274 -26.38 9.48 -0.05
CA LYS A 274 -25.29 9.70 -1.01
C LYS A 274 -25.01 11.18 -1.29
N GLU A 275 -26.03 11.90 -1.75
CA GLU A 275 -25.85 13.31 -2.08
C GLU A 275 -25.60 14.17 -0.85
N ALA A 276 -26.26 13.84 0.26
CA ALA A 276 -26.06 14.59 1.50
C ALA A 276 -24.61 14.40 1.95
N PHE A 277 -24.11 13.18 1.84
CA PHE A 277 -22.74 12.90 2.25
C PHE A 277 -21.77 13.73 1.42
N LEU A 278 -22.01 13.78 0.11
CA LEU A 278 -21.16 14.53 -0.80
C LEU A 278 -21.12 16.02 -0.40
N GLU A 279 -22.28 16.58 -0.09
CA GLU A 279 -22.38 17.98 0.31
C GLU A 279 -21.64 18.24 1.61
N ARG A 280 -21.83 17.35 2.58
CA ARG A 280 -21.18 17.49 3.88
C ARG A 280 -19.67 17.37 3.74
N MET A 281 -19.21 16.45 2.89
CA MET A 281 -17.78 16.28 2.66
C MET A 281 -17.27 17.58 2.01
N GLY A 282 -18.09 18.15 1.13
CA GLY A 282 -17.72 19.38 0.46
C GLY A 282 -17.55 20.54 1.42
N ALA A 283 -18.43 20.63 2.41
CA ALA A 283 -18.35 21.71 3.40
C ALA A 283 -17.09 21.55 4.24
N LEU A 284 -16.79 20.33 4.63
CA LEU A 284 -15.60 20.05 5.43
C LEU A 284 -14.33 20.36 4.63
N TRP A 285 -14.31 19.89 3.39
CA TRP A 285 -13.16 20.11 2.50
C TRP A 285 -12.91 21.62 2.35
N GLN A 286 -13.99 22.35 2.08
CA GLN A 286 -13.90 23.81 1.91
C GLN A 286 -13.36 24.48 3.17
N ALA A 287 -13.86 24.07 4.33
CA ALA A 287 -13.41 24.66 5.59
C ALA A 287 -11.92 24.44 5.82
N LEU A 288 -11.43 23.25 5.50
CA LEU A 288 -10.03 22.94 5.68
C LEU A 288 -9.15 23.76 4.73
N LYS A 289 -9.56 23.84 3.46
CA LYS A 289 -8.79 24.59 2.47
C LYS A 289 -8.74 26.09 2.80
N ALA A 290 -9.74 26.58 3.52
CA ALA A 290 -9.81 27.99 3.89
C ALA A 290 -9.05 28.31 5.17
N THR A 291 -8.49 27.28 5.81
CA THR A 291 -7.75 27.47 7.05
C THR A 291 -6.45 28.24 6.85
N PRO A 292 -6.27 29.36 7.57
CA PRO A 292 -5.03 30.13 7.41
C PRO A 292 -3.86 29.21 7.72
N PRO A 293 -2.78 29.30 6.93
CA PRO A 293 -1.59 28.45 7.12
C PRO A 293 -0.66 28.80 8.28
N ALA A 294 0.05 27.79 8.76
CA ALA A 294 1.01 27.95 9.83
C ALA A 294 2.31 28.37 9.14
N PRO A 295 3.27 28.94 9.90
CA PRO A 295 4.53 29.36 9.27
C PRO A 295 5.18 28.21 8.52
N GLY A 296 5.73 28.50 7.33
CA GLY A 296 6.37 27.46 6.54
C GLY A 296 5.42 26.79 5.57
N HIS A 297 4.16 27.19 5.60
CA HIS A 297 3.13 26.63 4.75
C HIS A 297 2.38 27.75 4.05
N GLU A 298 1.91 27.49 2.82
CA GLU A 298 1.17 28.51 2.09
C GLU A 298 -0.33 28.21 2.16
N GLU A 299 -0.67 26.95 2.37
CA GLU A 299 -2.06 26.56 2.47
C GLU A 299 -2.18 25.15 3.06
N VAL A 300 -3.38 24.82 3.51
CA VAL A 300 -3.64 23.52 4.10
C VAL A 300 -4.13 22.58 3.01
N PHE A 301 -3.70 21.32 3.07
CA PHE A 301 -4.09 20.32 2.09
C PHE A 301 -4.82 19.16 2.77
N LEU A 302 -5.66 18.47 2.00
CA LEU A 302 -6.38 17.30 2.51
C LEU A 302 -5.51 16.09 2.23
N PRO A 303 -5.58 15.06 3.09
CA PRO A 303 -4.76 13.87 2.81
C PRO A 303 -5.15 13.36 1.42
N GLY A 304 -4.16 13.11 0.58
CA GLY A 304 -4.44 12.63 -0.76
C GLY A 304 -4.45 13.72 -1.82
N GLU A 305 -4.61 14.97 -1.39
CA GLU A 305 -4.66 16.09 -2.34
C GLU A 305 -3.33 16.33 -3.05
N LEU A 306 -2.24 16.38 -2.30
CA LEU A 306 -0.92 16.60 -2.88
C LEU A 306 -0.59 15.42 -3.80
N GLU A 307 -1.01 14.23 -3.41
CA GLU A 307 -0.77 13.03 -4.21
C GLU A 307 -1.48 13.16 -5.55
N ALA A 308 -2.70 13.69 -5.53
CA ALA A 308 -3.49 13.86 -6.76
C ALA A 308 -2.86 14.92 -7.66
N ARG A 309 -2.41 16.02 -7.07
CA ARG A 309 -1.80 17.08 -7.88
C ARG A 309 -0.50 16.56 -8.51
N ARG A 310 0.22 15.72 -7.77
CA ARG A 310 1.46 15.15 -8.28
C ARG A 310 1.18 14.21 -9.43
N ARG A 311 0.13 13.40 -9.31
CA ARG A 311 -0.24 12.47 -10.37
C ARG A 311 -0.67 13.25 -11.62
N GLU A 312 -1.41 14.34 -11.42
CA GLU A 312 -1.86 15.14 -12.55
C GLU A 312 -0.66 15.73 -13.30
N ARG A 313 0.30 16.25 -12.55
CA ARG A 313 1.49 16.83 -13.16
C ARG A 313 2.31 15.76 -13.87
N ALA A 314 2.43 14.59 -13.24
CA ALA A 314 3.19 13.48 -13.80
C ALA A 314 2.57 12.96 -15.10
N LEU A 315 1.26 13.03 -15.19
CA LEU A 315 0.58 12.58 -16.40
C LEU A 315 0.78 13.63 -17.49
N ALA A 316 0.75 14.89 -17.08
CA ALA A 316 0.90 16.01 -18.01
C ALA A 316 2.31 16.20 -18.55
N GLU A 317 3.33 15.98 -17.71
CA GLU A 317 4.69 16.19 -18.18
C GLU A 317 5.65 15.00 -18.06
N GLY A 318 5.14 13.85 -17.68
CA GLY A 318 6.01 12.69 -17.57
C GLY A 318 6.44 12.45 -16.14
N MET A 319 6.85 11.21 -15.86
CA MET A 319 7.28 10.80 -14.54
C MET A 319 8.79 10.77 -14.37
N ALA A 320 9.25 11.24 -13.21
CA ALA A 320 10.66 11.24 -12.90
C ALA A 320 10.96 9.95 -12.13
N LEU A 321 12.06 9.28 -12.49
CA LEU A 321 12.45 8.05 -11.82
C LEU A 321 13.95 8.08 -11.51
N PRO A 322 14.34 7.53 -10.36
CA PRO A 322 15.75 7.50 -9.96
C PRO A 322 16.57 6.74 -11.00
N GLU A 323 17.74 7.26 -11.35
CA GLU A 323 18.59 6.61 -12.34
C GLU A 323 18.84 5.15 -11.98
N ARG A 324 18.99 4.88 -10.69
CA ARG A 324 19.23 3.53 -10.21
C ARG A 324 18.06 2.60 -10.53
N VAL A 325 16.85 3.09 -10.34
CA VAL A 325 15.65 2.32 -10.62
C VAL A 325 15.53 2.03 -12.11
N VAL A 326 15.77 3.05 -12.92
CA VAL A 326 15.69 2.88 -14.37
C VAL A 326 16.68 1.81 -14.82
N ALA A 327 17.89 1.85 -14.28
CA ALA A 327 18.92 0.87 -14.63
C ALA A 327 18.44 -0.54 -14.34
N GLU A 328 17.87 -0.75 -13.16
CA GLU A 328 17.37 -2.05 -12.77
C GLU A 328 16.24 -2.54 -13.67
N LEU A 329 15.32 -1.65 -14.01
CA LEU A 329 14.20 -2.00 -14.87
C LEU A 329 14.70 -2.37 -16.27
N LYS A 330 15.64 -1.59 -16.79
CA LYS A 330 16.19 -1.87 -18.12
C LYS A 330 16.85 -3.24 -18.15
N ALA A 331 17.59 -3.56 -17.10
CA ALA A 331 18.28 -4.85 -17.00
C ALA A 331 17.26 -5.99 -16.93
N LEU A 332 16.18 -5.75 -16.18
CA LEU A 332 15.12 -6.74 -16.04
C LEU A 332 14.49 -6.99 -17.40
N GLY A 333 14.19 -5.92 -18.12
CA GLY A 333 13.59 -6.05 -19.44
C GLY A 333 14.49 -6.80 -20.40
N GLU A 334 15.77 -6.48 -20.37
CA GLU A 334 16.74 -7.13 -21.26
C GLU A 334 16.84 -8.64 -21.08
N ARG A 335 16.92 -9.11 -19.84
CA ARG A 335 17.04 -10.54 -19.63
C ARG A 335 15.78 -11.32 -20.04
N TYR A 336 14.66 -10.61 -20.16
CA TYR A 336 13.41 -11.25 -20.56
C TYR A 336 13.05 -11.02 -22.02
N GLY A 337 13.87 -10.26 -22.74
CA GLY A 337 13.60 -10.00 -24.13
C GLY A 337 12.49 -8.99 -24.34
N VAL A 338 12.24 -8.17 -23.33
CA VAL A 338 11.22 -7.13 -23.39
C VAL A 338 11.95 -5.81 -23.27
N PRO A 339 12.38 -5.25 -24.42
CA PRO A 339 13.12 -3.99 -24.53
C PRO A 339 12.43 -2.77 -23.91
N TRP A 340 13.22 -2.00 -23.18
CA TRP A 340 12.75 -0.79 -22.52
C TRP A 340 12.84 0.36 -23.53
#